data_2YGN
#
_entry.id   2YGN
#
_cell.length_a   49.912
_cell.length_b   134.138
_cell.length_c   60.378
_cell.angle_alpha   90.00
_cell.angle_beta   90.00
_cell.angle_gamma   90.00
#
_symmetry.space_group_name_H-M   'C 2 2 2'
#
loop_
_entity.id
_entity.type
_entity.pdbx_description
1 polymer 'WNT INHIBITORY FACTOR 1'
2 non-polymer 1,2-DIACYL-SN-GLYCERO-3-PHOSHOCHOLINE
3 non-polymer 2-acetamido-2-deoxy-beta-D-glucopyranose
4 non-polymer 'ACETATE ION'
5 water water
#
_entity_poly.entity_id   1
_entity_poly.type   'polypeptide(L)'
_entity_poly.pdbx_seq_one_letter_code
;ETGSLYLWIDAHQARVLIGFEEDILIVSEG(MLY)MAPFTHDFR(MLY)AQQRMPAIPVNIHSMNFTWQAAGQAEYFYEF
LSLRSLD(MLY)GIMADPTVNVPLLGTVPH(MLY)ASVVQVGFPCLG(MLY)QDGVAAFEVDVIVMNSEGNTIL(MLY)T
PQNAIFFKTCQGTKHHHHHH
;
_entity_poly.pdbx_strand_id   A
#
loop_
_chem_comp.id
_chem_comp.type
_chem_comp.name
_chem_comp.formula
ACT non-polymer 'ACETATE ION' 'C2 H3 O2 -1'
NAG D-saccharide, beta linking 2-acetamido-2-deoxy-beta-D-glucopyranose 'C8 H15 N O6'
PCF non-polymer 1,2-DIACYL-SN-GLYCERO-3-PHOSHOCHOLINE 'C40 H80 N O8 P'
#
# COMPACT_ATOMS: atom_id res chain seq x y z
N THR A 2 -2.14 -21.22 -11.68
CA THR A 2 -2.16 -19.76 -11.62
C THR A 2 -1.92 -19.25 -10.19
N GLY A 3 -1.59 -17.96 -10.06
CA GLY A 3 -1.32 -17.31 -8.79
C GLY A 3 -2.55 -17.20 -7.90
N SER A 4 -2.32 -16.99 -6.60
CA SER A 4 -3.41 -16.91 -5.63
C SER A 4 -3.41 -15.60 -4.83
N LEU A 5 -2.34 -14.78 -4.97
CA LEU A 5 -2.25 -13.54 -4.23
C LEU A 5 -3.17 -12.47 -4.75
N TYR A 6 -3.84 -11.74 -3.82
CA TYR A 6 -4.67 -10.58 -4.15
C TYR A 6 -4.38 -9.43 -3.21
N LEU A 7 -4.36 -8.22 -3.75
CA LEU A 7 -4.24 -6.97 -3.01
C LEU A 7 -5.22 -5.99 -3.67
N TRP A 8 -6.08 -5.38 -2.87
CA TRP A 8 -7.01 -4.41 -3.42
C TRP A 8 -7.41 -3.37 -2.40
N ILE A 9 -8.04 -2.30 -2.88
CA ILE A 9 -8.60 -1.28 -2.01
C ILE A 9 -10.10 -1.50 -2.12
N ASP A 10 -10.77 -1.80 -1.00
CA ASP A 10 -12.20 -2.09 -0.97
C ASP A 10 -13.02 -0.89 -1.48
N ALA A 11 -14.19 -1.15 -2.08
CA ALA A 11 -15.11 -0.15 -2.64
C ALA A 11 -15.42 1.04 -1.71
N HIS A 12 -15.57 0.79 -0.39
CA HIS A 12 -15.88 1.85 0.58
C HIS A 12 -14.72 2.81 0.77
N GLN A 13 -13.51 2.24 0.94
CA GLN A 13 -12.29 3.02 1.06
C GLN A 13 -12.04 3.77 -0.23
N ALA A 14 -12.24 3.10 -1.38
CA ALA A 14 -12.03 3.71 -2.70
C ALA A 14 -12.95 4.95 -2.89
N ARG A 15 -14.23 4.83 -2.45
CA ARG A 15 -15.21 5.91 -2.51
C ARG A 15 -14.70 7.16 -1.77
N VAL A 16 -14.23 6.97 -0.52
CA VAL A 16 -13.65 8.01 0.34
C VAL A 16 -12.41 8.65 -0.33
N LEU A 17 -11.62 7.85 -1.06
CA LEU A 17 -10.40 8.32 -1.69
C LEU A 17 -10.60 9.01 -3.05
N ILE A 18 -11.34 8.40 -3.99
CA ILE A 18 -11.54 8.94 -5.35
C ILE A 18 -12.98 9.26 -5.78
N GLY A 19 -13.96 8.98 -4.93
CA GLY A 19 -15.37 9.24 -5.23
C GLY A 19 -16.15 8.11 -5.88
N PHE A 20 -15.44 7.12 -6.47
CA PHE A 20 -16.04 5.97 -7.15
C PHE A 20 -16.05 4.73 -6.24
N GLU A 21 -17.26 4.22 -5.91
CA GLU A 21 -17.43 3.06 -5.04
C GLU A 21 -17.34 1.75 -5.83
N GLU A 22 -16.09 1.30 -6.04
CA GLU A 22 -15.72 0.08 -6.74
C GLU A 22 -14.34 -0.35 -6.24
N ASP A 23 -14.12 -1.65 -6.08
CA ASP A 23 -12.84 -2.21 -5.65
C ASP A 23 -11.75 -1.79 -6.62
N ILE A 24 -10.58 -1.36 -6.10
CA ILE A 24 -9.43 -1.01 -6.94
C ILE A 24 -8.46 -2.17 -6.79
N LEU A 25 -8.31 -2.98 -7.85
CA LEU A 25 -7.45 -4.16 -7.89
C LEU A 25 -6.02 -3.73 -8.14
N ILE A 26 -5.11 -4.12 -7.23
CA ILE A 26 -3.68 -3.80 -7.36
C ILE A 26 -2.92 -5.05 -7.80
N VAL A 27 -3.25 -6.20 -7.19
CA VAL A 27 -2.66 -7.49 -7.54
C VAL A 27 -3.82 -8.47 -7.68
N SER A 28 -3.87 -9.21 -8.78
CA SER A 28 -4.91 -10.24 -8.99
C SER A 28 -4.25 -11.48 -9.47
N GLU A 29 -4.47 -12.59 -8.73
CA GLU A 29 -3.88 -13.90 -9.02
C GLU A 29 -2.35 -13.81 -9.11
N GLY A 30 -1.76 -13.13 -8.14
CA GLY A 30 -0.30 -12.97 -8.06
C GLY A 30 0.32 -12.08 -9.12
N MLY A 31 -0.50 -11.34 -9.89
CA MLY A 31 0.00 -10.45 -10.94
CB MLY A 31 -0.88 -10.79 -12.20
CG MLY A 31 -0.13 -11.58 -13.29
CD MLY A 31 0.75 -12.72 -12.80
CE MLY A 31 1.90 -12.94 -13.79
NZ MLY A 31 2.89 -13.93 -13.24
CH1 MLY A 31 3.76 -13.17 -12.32
CH2 MLY A 31 3.78 -14.34 -14.36
C MLY A 31 -0.35 -8.99 -10.70
O MLY A 31 -1.50 -8.68 -10.40
N MET A 32 0.63 -8.09 -10.89
CA MET A 32 0.41 -6.65 -10.75
C MET A 32 -0.64 -6.19 -11.76
N ALA A 33 -1.59 -5.33 -11.35
CA ALA A 33 -2.65 -4.82 -12.24
C ALA A 33 -2.03 -4.05 -13.43
N PRO A 34 -2.65 -4.11 -14.66
CA PRO A 34 -2.03 -3.44 -15.83
C PRO A 34 -1.75 -1.95 -15.68
N PHE A 35 -2.58 -1.20 -14.91
CA PHE A 35 -2.36 0.23 -14.67
C PHE A 35 -1.04 0.55 -13.97
N THR A 36 -0.43 -0.42 -13.28
CA THR A 36 0.82 -0.21 -12.53
C THR A 36 2.10 -0.47 -13.36
N HIS A 37 1.98 -1.12 -14.54
CA HIS A 37 3.14 -1.48 -15.41
C HIS A 37 3.97 -0.23 -15.79
N ASP A 38 3.30 0.81 -16.32
CA ASP A 38 3.93 2.09 -16.62
C ASP A 38 3.70 2.92 -15.36
N PHE A 39 4.50 2.63 -14.35
CA PHE A 39 4.35 3.22 -13.03
C PHE A 39 4.42 4.73 -12.95
N ARG A 40 5.33 5.34 -13.73
CA ARG A 40 5.45 6.80 -13.72
C ARG A 40 4.20 7.47 -14.25
N MLY A 41 3.58 6.85 -15.26
CA MLY A 41 2.30 7.34 -15.81
CB MLY A 41 1.80 6.47 -16.97
CG MLY A 41 0.92 7.29 -17.95
CD MLY A 41 1.02 6.68 -19.37
CE MLY A 41 -0.24 6.95 -20.23
NZ MLY A 41 -1.36 5.94 -20.10
CH1 MLY A 41 -0.84 4.54 -20.16
CH2 MLY A 41 -2.20 6.09 -21.30
C MLY A 41 1.22 7.20 -14.74
O MLY A 41 0.42 8.11 -14.58
N ALA A 42 1.20 6.06 -14.00
CA ALA A 42 0.24 5.77 -12.92
C ALA A 42 0.35 6.76 -11.76
N GLN A 43 1.59 7.10 -11.36
CA GLN A 43 1.86 8.07 -10.28
C GLN A 43 1.28 9.46 -10.58
N GLN A 44 1.16 9.83 -11.89
CA GLN A 44 0.59 11.13 -12.30
C GLN A 44 -0.91 11.21 -12.05
N ARG A 45 -1.59 10.05 -12.09
CA ARG A 45 -3.02 9.92 -11.83
C ARG A 45 -3.29 9.69 -10.33
N MET A 46 -2.24 9.79 -9.49
CA MET A 46 -2.30 9.61 -8.05
C MET A 46 -2.13 10.96 -7.34
N PRO A 47 -3.20 11.62 -6.86
CA PRO A 47 -3.00 12.90 -6.16
C PRO A 47 -2.53 12.64 -4.73
N ALA A 48 -1.95 13.68 -4.10
CA ALA A 48 -1.48 13.65 -2.72
C ALA A 48 -2.68 13.38 -1.82
N ILE A 49 -2.62 12.31 -0.98
CA ILE A 49 -3.68 11.89 -0.03
C ILE A 49 -4.24 13.12 0.72
N PRO A 50 -5.56 13.38 0.64
CA PRO A 50 -6.12 14.60 1.25
C PRO A 50 -6.04 14.66 2.77
N VAL A 51 -6.16 15.90 3.30
CA VAL A 51 -6.14 16.23 4.72
C VAL A 51 -7.15 15.44 5.56
N ASN A 52 -8.34 15.12 4.98
CA ASN A 52 -9.41 14.40 5.68
C ASN A 52 -9.11 12.92 5.95
N ILE A 53 -8.22 12.31 5.14
CA ILE A 53 -7.82 10.91 5.27
C ILE A 53 -6.56 10.80 6.17
N HIS A 54 -6.65 10.13 7.32
CA HIS A 54 -5.54 9.97 8.26
C HIS A 54 -4.89 8.56 8.11
N SER A 55 -5.61 7.65 7.42
CA SER A 55 -5.17 6.28 7.20
C SER A 55 -5.93 5.69 6.02
N MET A 56 -5.38 4.61 5.44
CA MET A 56 -5.97 3.93 4.29
C MET A 56 -6.04 2.42 4.49
N ASN A 57 -7.16 1.81 4.08
CA ASN A 57 -7.37 0.37 4.21
C ASN A 57 -7.04 -0.37 2.94
N PHE A 58 -6.11 -1.32 3.03
CA PHE A 58 -5.76 -2.20 1.92
C PHE A 58 -6.24 -3.59 2.31
N THR A 59 -6.73 -4.36 1.35
CA THR A 59 -7.18 -5.71 1.65
C THR A 59 -6.29 -6.69 0.91
N TRP A 60 -5.81 -7.73 1.62
CA TRP A 60 -4.98 -8.73 0.93
C TRP A 60 -5.35 -10.14 1.36
N GLN A 61 -4.98 -11.09 0.54
CA GLN A 61 -5.17 -12.51 0.78
C GLN A 61 -4.31 -13.42 -0.08
N ALA A 62 -3.93 -14.56 0.50
CA ALA A 62 -3.19 -15.60 -0.22
C ALA A 62 -4.22 -16.72 -0.27
N ALA A 63 -5.10 -16.62 -1.25
CA ALA A 63 -6.29 -17.41 -1.47
C ALA A 63 -6.16 -18.93 -1.61
N GLY A 64 -4.95 -19.46 -1.85
CA GLY A 64 -4.71 -20.90 -2.00
C GLY A 64 -4.04 -21.62 -0.84
N GLN A 65 -3.36 -22.77 -1.12
CA GLN A 65 -2.61 -23.61 -0.17
C GLN A 65 -1.14 -23.13 -0.01
N ALA A 66 -0.59 -22.50 -1.05
CA ALA A 66 0.78 -21.95 -1.06
C ALA A 66 0.91 -20.86 0.02
N GLU A 67 2.05 -20.82 0.73
CA GLU A 67 2.34 -19.82 1.75
C GLU A 67 3.13 -18.70 1.12
N TYR A 68 2.81 -17.45 1.47
CA TYR A 68 3.54 -16.28 0.98
C TYR A 68 3.88 -15.42 2.14
N PHE A 69 5.05 -14.79 2.07
CA PHE A 69 5.57 -13.98 3.15
C PHE A 69 5.75 -12.56 2.67
N TYR A 70 5.30 -11.60 3.47
CA TYR A 70 5.50 -10.23 3.09
C TYR A 70 6.51 -9.63 4.02
N GLU A 71 7.14 -8.56 3.59
CA GLU A 71 8.04 -7.79 4.43
C GLU A 71 8.00 -6.33 4.06
N PHE A 72 7.79 -5.44 5.06
CA PHE A 72 7.85 -4.01 4.86
C PHE A 72 9.30 -3.62 5.03
N LEU A 73 9.98 -3.30 3.92
CA LEU A 73 11.41 -2.94 3.93
C LEU A 73 11.67 -1.50 4.30
N SER A 74 10.73 -0.61 3.97
CA SER A 74 10.81 0.81 4.27
C SER A 74 9.43 1.43 4.45
N LEU A 75 9.26 2.07 5.60
CA LEU A 75 8.09 2.88 6.01
C LEU A 75 8.78 4.16 6.43
N ARG A 76 8.97 5.09 5.47
CA ARG A 76 9.77 6.28 5.73
C ARG A 76 9.14 7.57 5.23
N SER A 77 9.09 8.63 6.09
CA SER A 77 8.64 9.95 5.65
C SER A 77 9.87 10.66 5.15
N LEU A 78 9.75 11.39 4.04
CA LEU A 78 10.89 12.14 3.52
C LEU A 78 10.84 13.63 3.96
N ASP A 79 9.75 13.98 4.68
CA ASP A 79 9.44 15.30 5.25
C ASP A 79 9.01 15.09 6.72
N MLY A 80 9.97 14.74 7.58
CA MLY A 80 9.74 14.44 9.00
CB MLY A 80 10.98 13.87 9.66
CG MLY A 80 10.81 12.36 9.71
CD MLY A 80 12.21 11.74 9.71
CE MLY A 80 12.08 10.25 10.01
NZ MLY A 80 13.40 9.72 10.41
CH1 MLY A 80 13.81 8.85 9.28
CH2 MLY A 80 13.15 8.86 11.59
C MLY A 80 9.18 15.61 9.82
O MLY A 80 8.67 15.39 10.92
N GLY A 81 9.33 16.83 9.30
CA GLY A 81 8.82 18.03 9.95
C GLY A 81 7.33 18.19 9.76
N ILE A 82 6.79 17.57 8.68
CA ILE A 82 5.38 17.60 8.30
C ILE A 82 4.63 16.33 8.77
N MET A 83 5.18 15.14 8.45
CA MET A 83 4.54 13.86 8.79
C MET A 83 5.59 12.93 9.31
N ALA A 84 5.25 12.16 10.35
CA ALA A 84 6.12 11.14 10.89
C ALA A 84 6.06 9.93 9.90
N ASP A 85 6.90 8.94 10.10
CA ASP A 85 6.97 7.74 9.24
C ASP A 85 5.60 7.09 9.05
N PRO A 86 5.19 6.66 7.83
CA PRO A 86 3.91 5.93 7.71
C PRO A 86 3.92 4.68 8.58
N THR A 87 2.74 4.24 8.99
CA THR A 87 2.67 3.07 9.87
C THR A 87 1.84 1.98 9.24
N VAL A 88 2.00 0.74 9.71
CA VAL A 88 1.12 -0.37 9.33
C VAL A 88 0.68 -1.04 10.64
N ASN A 89 -0.51 -1.62 10.70
CA ASN A 89 -1.03 -2.27 11.92
C ASN A 89 -0.76 -3.79 11.90
N VAL A 90 0.32 -4.19 11.20
CA VAL A 90 0.70 -5.60 11.09
C VAL A 90 2.19 -5.67 11.41
N PRO A 91 2.72 -6.87 11.81
CA PRO A 91 4.17 -6.99 12.01
C PRO A 91 4.90 -6.73 10.70
N LEU A 92 6.13 -6.23 10.76
CA LEU A 92 6.93 -5.88 9.56
C LEU A 92 7.19 -7.08 8.66
N LEU A 93 7.37 -8.26 9.26
CA LEU A 93 7.58 -9.50 8.53
C LEU A 93 6.48 -10.47 8.94
N GLY A 94 5.80 -11.05 7.98
CA GLY A 94 4.76 -12.01 8.33
C GLY A 94 4.28 -12.80 7.15
N THR A 95 3.23 -13.58 7.35
CA THR A 95 2.61 -14.39 6.30
CA THR A 95 2.63 -14.37 6.28
C THR A 95 1.43 -13.63 5.70
N VAL A 96 1.23 -13.73 4.39
CA VAL A 96 0.06 -13.12 3.78
C VAL A 96 -1.10 -14.01 4.25
N PRO A 97 -2.16 -13.48 4.87
CA PRO A 97 -3.20 -14.36 5.43
C PRO A 97 -4.03 -15.05 4.35
N HIS A 98 -4.50 -16.28 4.64
CA HIS A 98 -5.34 -17.01 3.69
C HIS A 98 -6.74 -16.38 3.66
N MLY A 99 -7.19 -15.89 4.81
CA MLY A 99 -8.45 -15.19 4.96
CB MLY A 99 -8.72 -15.35 6.47
CG MLY A 99 -9.50 -14.25 7.19
CD MLY A 99 -10.94 -14.21 6.79
CE MLY A 99 -11.60 -13.57 8.04
NZ MLY A 99 -12.12 -12.20 7.92
CH1 MLY A 99 -11.01 -11.16 8.06
CH2 MLY A 99 -12.98 -12.01 9.09
C MLY A 99 -8.20 -13.70 4.64
O MLY A 99 -7.32 -13.08 5.24
N ALA A 100 -8.99 -13.15 3.70
CA ALA A 100 -8.87 -11.72 3.31
C ALA A 100 -8.90 -10.83 4.54
N SER A 101 -7.87 -9.99 4.70
CA SER A 101 -7.69 -9.18 5.90
C SER A 101 -7.26 -7.80 5.50
N VAL A 102 -7.57 -6.83 6.36
CA VAL A 102 -7.30 -5.42 6.14
C VAL A 102 -6.01 -5.01 6.81
N VAL A 103 -5.15 -4.35 6.04
CA VAL A 103 -3.94 -3.75 6.56
C VAL A 103 -4.23 -2.25 6.54
N GLN A 104 -4.12 -1.58 7.70
CA GLN A 104 -4.36 -0.13 7.81
C GLN A 104 -3.02 0.60 7.71
N VAL A 105 -2.85 1.42 6.66
CA VAL A 105 -1.61 2.18 6.51
C VAL A 105 -1.93 3.59 7.04
N GLY A 106 -1.22 4.05 8.07
CA GLY A 106 -1.45 5.34 8.71
C GLY A 106 -0.51 6.41 8.23
N PHE A 107 -1.01 7.67 8.14
CA PHE A 107 -0.19 8.81 7.67
C PHE A 107 -0.19 9.87 8.79
N PRO A 108 0.78 9.77 9.73
CA PRO A 108 0.71 10.62 10.93
C PRO A 108 1.22 12.05 10.81
N CYS A 109 0.39 12.93 10.22
CA CYS A 109 0.67 14.38 10.12
C CYS A 109 0.91 14.91 11.53
N LEU A 110 2.05 15.56 11.76
CA LEU A 110 2.42 16.04 13.09
C LEU A 110 1.65 17.25 13.62
N GLY A 111 1.16 18.10 12.73
CA GLY A 111 0.42 19.30 13.08
C GLY A 111 1.30 20.47 13.49
N MLY A 112 2.63 20.24 13.58
CA MLY A 112 3.62 21.26 13.93
CB MLY A 112 4.90 20.56 14.42
CG MLY A 112 4.66 19.58 15.58
CD MLY A 112 5.89 18.65 15.70
CE MLY A 112 5.63 17.57 16.76
NZ MLY A 112 6.90 16.86 17.08
CH1 MLY A 112 6.68 15.41 16.82
CH2 MLY A 112 7.11 16.98 18.53
C MLY A 112 4.06 22.08 12.69
O MLY A 112 4.87 22.98 12.80
N GLN A 113 3.49 21.73 11.51
CA GLN A 113 3.76 22.37 10.22
C GLN A 113 2.57 22.15 9.26
N ASP A 114 2.70 22.64 8.01
CA ASP A 114 1.65 22.53 7.00
C ASP A 114 2.30 22.28 5.63
N GLY A 115 1.68 21.40 4.83
CA GLY A 115 2.16 21.07 3.49
C GLY A 115 1.95 19.63 3.04
N VAL A 116 2.69 19.24 2.00
CA VAL A 116 2.63 17.90 1.39
C VAL A 116 3.91 17.11 1.77
N ALA A 117 3.73 15.93 2.42
CA ALA A 117 4.87 15.10 2.81
C ALA A 117 5.06 13.92 1.86
N ALA A 118 6.27 13.78 1.32
CA ALA A 118 6.67 12.67 0.46
C ALA A 118 7.00 11.48 1.37
N PHE A 119 6.60 10.27 0.99
CA PHE A 119 6.88 9.08 1.82
C PHE A 119 6.98 7.81 0.99
N GLU A 120 7.58 6.76 1.60
CA GLU A 120 7.78 5.47 0.97
C GLU A 120 7.07 4.38 1.75
N VAL A 121 6.56 3.41 1.02
CA VAL A 121 5.99 2.17 1.58
C VAL A 121 6.57 1.08 0.67
N ASP A 122 7.80 0.62 1.00
CA ASP A 122 8.45 -0.42 0.22
C ASP A 122 8.13 -1.76 0.87
N VAL A 123 7.39 -2.58 0.17
CA VAL A 123 6.97 -3.91 0.62
C VAL A 123 7.33 -4.94 -0.46
N ILE A 124 7.71 -6.15 -0.04
CA ILE A 124 8.00 -7.27 -0.91
C ILE A 124 7.14 -8.45 -0.49
N VAL A 125 6.85 -9.34 -1.43
CA VAL A 125 6.14 -10.61 -1.15
C VAL A 125 7.06 -11.70 -1.68
N MET A 126 7.36 -12.68 -0.84
CA MET A 126 8.22 -13.82 -1.20
C MET A 126 7.44 -15.10 -1.19
N ASN A 127 7.83 -16.08 -2.04
CA ASN A 127 7.19 -17.40 -2.04
C ASN A 127 7.99 -18.27 -1.07
N SER A 128 7.58 -19.52 -0.90
CA SER A 128 8.21 -20.51 -0.01
C SER A 128 9.64 -20.94 -0.42
N GLU A 129 10.09 -20.52 -1.63
CA GLU A 129 11.46 -20.73 -2.14
C GLU A 129 12.35 -19.54 -1.78
N GLY A 130 11.80 -18.53 -1.12
CA GLY A 130 12.52 -17.32 -0.74
C GLY A 130 12.70 -16.31 -1.87
N ASN A 131 12.01 -16.50 -2.99
CA ASN A 131 12.14 -15.53 -4.10
C ASN A 131 11.11 -14.41 -4.03
N THR A 132 11.55 -13.15 -4.27
CA THR A 132 10.66 -11.99 -4.30
C THR A 132 9.83 -12.09 -5.58
N ILE A 133 8.51 -12.24 -5.44
CA ILE A 133 7.63 -12.37 -6.62
C ILE A 133 6.84 -11.08 -6.92
N LEU A 134 6.68 -10.19 -5.92
CA LEU A 134 5.94 -8.94 -6.01
C LEU A 134 6.60 -7.92 -5.10
N MLY A 135 6.54 -6.63 -5.49
CA MLY A 135 7.14 -5.59 -4.66
CB MLY A 135 8.67 -5.60 -4.68
CG MLY A 135 9.18 -5.29 -6.09
CD MLY A 135 10.49 -6.01 -6.32
CE MLY A 135 11.54 -5.01 -5.95
NZ MLY A 135 12.34 -4.53 -7.09
CH1 MLY A 135 13.11 -5.63 -7.74
CH2 MLY A 135 13.41 -3.70 -6.47
C MLY A 135 6.72 -4.21 -5.11
O MLY A 135 6.34 -4.02 -6.26
N THR A 136 6.78 -3.25 -4.20
CA THR A 136 6.46 -1.87 -4.52
C THR A 136 7.42 -1.50 -5.70
N PRO A 137 6.90 -0.90 -6.78
CA PRO A 137 7.80 -0.51 -7.90
C PRO A 137 9.02 0.27 -7.39
N GLN A 138 10.22 -0.03 -7.91
CA GLN A 138 11.45 0.65 -7.46
C GLN A 138 11.34 2.18 -7.51
N ASN A 139 11.79 2.84 -6.43
CA ASN A 139 11.78 4.30 -6.27
C ASN A 139 10.40 4.97 -6.18
N ALA A 140 9.33 4.19 -5.89
CA ALA A 140 7.99 4.74 -5.75
C ALA A 140 7.96 5.72 -4.59
N ILE A 141 7.34 6.88 -4.84
CA ILE A 141 7.11 7.92 -3.88
C ILE A 141 5.63 8.27 -3.80
N PHE A 142 5.10 8.41 -2.58
CA PHE A 142 3.70 8.75 -2.35
C PHE A 142 3.61 10.07 -1.60
N PHE A 143 2.45 10.74 -1.65
CA PHE A 143 2.30 12.06 -1.00
C PHE A 143 1.08 12.20 -0.10
N LYS A 144 1.25 12.88 1.04
CA LYS A 144 0.19 13.11 2.03
C LYS A 144 0.02 14.62 2.32
N THR A 145 -1.18 15.16 2.07
CA THR A 145 -1.48 16.57 2.37
C THR A 145 -1.75 16.66 3.89
N CYS A 146 -0.94 17.48 4.60
CA CYS A 146 -1.04 17.71 6.05
C CYS A 146 -1.37 19.20 6.31
N GLN A 147 -2.29 19.47 7.25
CA GLN A 147 -2.62 20.86 7.62
C GLN A 147 -2.65 21.12 9.13
N PCF B . -8.37 1.87 -12.39
P PCF B . -6.81 5.11 -10.15
O11 PCF B . -6.01 4.41 -8.95
O12 PCF B . -8.19 4.52 -10.06
O13 PCF B . -6.18 4.50 -11.51
O14 PCF B . -6.53 6.58 -10.03
C11 PCF B . -6.93 3.73 -12.45
C12 PCF B . -7.03 2.28 -12.03
C13 PCF B . -8.88 0.95 -11.39
C14 PCF B . -8.37 1.25 -13.72
C15 PCF B . -9.17 3.09 -12.39
C1 PCF B . -4.82 5.00 -8.46
C2 PCF B . -4.95 5.31 -6.98
C3 PCF B . -5.86 6.48 -6.70
O31 PCF B . -4.90 7.38 -6.14
O32 PCF B . -6.18 8.94 -5.02
C31 PCF B . -5.09 8.38 -5.12
C32 PCF B . -3.90 8.70 -4.24
C33 PCF B . -2.92 7.53 -4.16
C34 PCF B . -3.51 6.47 -3.27
C35 PCF B . -2.49 5.46 -2.78
C36 PCF B . -1.43 6.10 -1.92
C37 PCF B . -1.15 5.18 -0.76
C38 PCF B . 0.33 4.94 -0.51
C39 PCF B . 0.59 3.72 0.31
C40 PCF B . 1.13 2.64 -0.58
C41 PCF B . 0.99 1.29 0.08
C42 PCF B . 1.19 0.19 -0.94
C43 PCF B . 1.30 -1.21 -0.30
O21 PCF B . -5.32 4.21 -6.16
O22 PCF B . -4.16 2.37 -6.82
C21 PCF B . -4.22 3.26 -6.02
C22 PCF B . -3.18 3.30 -4.94
C23 PCF B . -2.04 2.38 -5.35
C24 PCF B . -1.00 2.31 -4.23
C25 PCF B . -0.15 1.06 -4.41
C26 PCF B . 0.73 1.03 -5.63
C27 PCF B . 1.60 -0.23 -5.79
C28 PCF B . 1.86 -1.17 -4.59
C29 PCF B . 2.26 -2.59 -4.97
C30 PCF B . 2.79 -3.42 -3.82
C47 PCF B . 2.98 -4.85 -4.25
C48 PCF B . 3.56 -5.71 -3.16
C49 PCF B . 2.48 -6.28 -2.24
C50 PCF B . 1.67 -7.40 -2.90
C51 PCF B . 0.67 -8.09 -1.95
C52 PCF B . -0.15 -9.33 -2.34
C44 PCF B . 0.14 -1.63 0.58
C45 PCF B . 0.33 -3.05 1.14
C46 PCF B . -0.66 -3.51 2.18
C1 NAG C . -10.88 1.03 7.64
C2 NAG C . -12.26 1.75 7.52
C3 NAG C . -12.80 1.98 8.97
C4 NAG C . -12.79 0.65 9.81
C5 NAG C . -11.39 0.00 9.73
C6 NAG C . -11.33 -1.37 10.46
C7 NAG C . -12.77 3.18 5.48
C8 NAG C . -12.50 4.51 4.86
N2 NAG C . -12.17 2.97 6.68
O3 NAG C . -14.16 2.45 8.87
O4 NAG C . -13.04 0.94 11.19
O5 NAG C . -11.02 -0.20 8.34
O6 NAG C . -12.11 -2.39 9.78
O7 NAG C . -13.49 2.36 4.91
C ACT D . -1.10 -11.08 9.27
O ACT D . -2.34 -11.01 9.30
OXT ACT D . -0.37 -10.07 9.13
CH3 ACT D . -0.47 -12.46 9.40
#